data_1IRM
#
_entry.id   1IRM
#
_cell.length_a   70.210
_cell.length_b   70.210
_cell.length_c   140.460
_cell.angle_alpha   90.00
_cell.angle_beta   90.00
_cell.angle_gamma   120.00
#
_symmetry.space_group_name_H-M   'P 32'
#
loop_
_entity.id
_entity.type
_entity.pdbx_description
1 polymer 'apo heme oxygenase-1'
2 water water
#
_entity_poly.entity_id   1
_entity_poly.type   'polypeptide(L)'
_entity_poly.pdbx_seq_one_letter_code
;MERPQLDSMSQDLSEALKEATKEVHIRAENSEFMRNFQKGQVSREGFKLVMASLYHIYTALEEEIERNKQNPVYAPLYFP
EELHRRAALEQDMAFWYGPHWQEAIPYTPATQHYVKRLHEVGGTHPELLVAHAYTRYLGDLSGGQVLKKIAQKAMALPSS
GEGLAFFTFPSIDNPTKFKQLYRARMNTLEMTPEVKHRVTEEAKTAFLLNIELFEELQALLTEEHKDQSPSQTEFLRQRP
ASLVQDTTSAETPRGKSQISTSSSQTP
;
_entity_poly.pdbx_strand_id   C,A,B
#
# COMPACT_ATOMS: atom_id res chain seq x y z
N ASN A 30 0.06 51.07 10.28
CA ASN A 30 -1.17 50.29 10.60
C ASN A 30 -2.38 51.05 10.07
N SER A 31 -2.54 51.03 8.74
CA SER A 31 -3.63 51.73 8.07
C SER A 31 -4.96 50.93 7.98
N GLU A 32 -5.62 50.92 6.82
CA GLU A 32 -6.92 50.22 6.71
C GLU A 32 -7.25 49.33 5.48
N PHE A 33 -7.27 49.91 4.29
CA PHE A 33 -7.61 49.18 3.06
C PHE A 33 -7.22 47.71 3.03
N MET A 34 -5.92 47.45 3.15
CA MET A 34 -5.37 46.11 3.12
C MET A 34 -6.03 45.18 4.14
N ARG A 35 -6.41 45.76 5.26
CA ARG A 35 -7.05 45.00 6.33
C ARG A 35 -8.52 44.76 6.01
N ASN A 36 -9.21 45.81 5.60
CA ASN A 36 -10.63 45.71 5.23
C ASN A 36 -10.75 44.76 4.02
N PHE A 37 -9.66 44.06 3.75
CA PHE A 37 -9.59 43.13 2.64
C PHE A 37 -9.76 41.72 3.18
N GLN A 38 -8.95 41.39 4.19
CA GLN A 38 -9.02 40.07 4.82
C GLN A 38 -10.40 39.87 5.43
N LYS A 39 -11.19 40.93 5.43
CA LYS A 39 -12.54 40.88 5.97
C LYS A 39 -13.47 40.42 4.86
N GLY A 40 -14.11 41.39 4.22
CA GLY A 40 -15.04 41.12 3.15
C GLY A 40 -15.60 42.48 2.86
N GLN A 41 -14.85 43.48 3.31
CA GLN A 41 -15.19 44.88 3.15
C GLN A 41 -15.19 45.35 1.69
N VAL A 42 -14.11 46.03 1.31
CA VAL A 42 -13.90 46.59 -0.03
C VAL A 42 -15.09 46.53 -1.02
N SER A 43 -15.37 47.69 -1.62
CA SER A 43 -16.45 47.92 -2.58
C SER A 43 -16.71 46.78 -3.55
N ARG A 44 -15.65 46.42 -4.27
CA ARG A 44 -15.64 45.35 -5.28
C ARG A 44 -14.59 45.77 -6.30
N GLU A 45 -14.65 47.02 -6.78
CA GLU A 45 -13.62 47.44 -7.73
C GLU A 45 -12.33 47.63 -6.93
N GLY A 46 -12.43 47.35 -5.64
CA GLY A 46 -11.27 47.43 -4.78
C GLY A 46 -10.73 46.03 -4.86
N PHE A 47 -11.67 45.08 -4.83
CA PHE A 47 -11.39 43.64 -4.90
C PHE A 47 -10.78 43.34 -6.28
N LYS A 48 -11.59 43.51 -7.32
CA LYS A 48 -11.15 43.30 -8.69
C LYS A 48 -9.72 43.79 -8.75
N LEU A 49 -9.55 45.06 -8.41
CA LEU A 49 -8.26 45.73 -8.42
C LEU A 49 -7.17 44.92 -7.78
N VAL A 50 -7.37 44.59 -6.51
CA VAL A 50 -6.42 43.81 -5.73
C VAL A 50 -6.23 42.47 -6.40
N MET A 51 -7.31 41.93 -6.94
CA MET A 51 -7.21 40.67 -7.62
C MET A 51 -6.22 40.77 -8.76
N ALA A 52 -6.49 41.66 -9.73
CA ALA A 52 -5.59 41.85 -10.89
C ALA A 52 -4.18 42.20 -10.43
N SER A 53 -4.09 42.80 -9.24
CA SER A 53 -2.79 43.15 -8.67
C SER A 53 -2.16 41.84 -8.25
N LEU A 54 -2.95 40.98 -7.63
CA LEU A 54 -2.46 39.69 -7.17
C LEU A 54 -2.26 38.69 -8.29
N TYR A 55 -2.94 38.89 -9.41
CA TYR A 55 -2.76 37.98 -10.54
C TYR A 55 -1.42 38.33 -11.17
N HIS A 56 -1.02 39.58 -11.02
CA HIS A 56 0.24 40.06 -11.57
C HIS A 56 1.44 39.77 -10.67
N ILE A 57 1.17 39.33 -9.44
CA ILE A 57 2.23 39.02 -8.49
C ILE A 57 2.60 37.53 -8.54
N TYR A 58 1.59 36.68 -8.58
CA TYR A 58 1.81 35.25 -8.62
C TYR A 58 2.38 34.72 -9.92
N THR A 59 1.95 35.30 -11.03
CA THR A 59 2.46 34.86 -12.32
C THR A 59 3.98 34.82 -12.21
N ALA A 60 4.57 36.01 -12.06
CA ALA A 60 6.01 36.19 -11.93
C ALA A 60 6.54 35.26 -10.86
N LEU A 61 5.95 35.39 -9.68
CA LEU A 61 6.34 34.57 -8.56
C LEU A 61 6.33 33.09 -8.92
N GLU A 62 5.13 32.57 -9.16
CA GLU A 62 4.97 31.17 -9.49
C GLU A 62 5.66 30.67 -10.75
N GLU A 63 6.26 31.58 -11.52
CA GLU A 63 6.99 31.17 -12.72
C GLU A 63 8.48 31.17 -12.32
N GLU A 64 8.90 32.20 -11.59
CA GLU A 64 10.27 32.29 -11.12
C GLU A 64 10.55 31.13 -10.18
N ILE A 65 9.50 30.69 -9.46
CA ILE A 65 9.59 29.55 -8.56
C ILE A 65 9.87 28.32 -9.41
N GLU A 66 9.32 28.33 -10.64
CA GLU A 66 9.56 27.25 -11.58
C GLU A 66 11.00 27.38 -12.02
N ARG A 67 11.38 28.61 -12.40
CA ARG A 67 12.74 28.92 -12.84
C ARG A 67 13.80 28.39 -11.89
N ASN A 68 13.39 28.09 -10.65
CA ASN A 68 14.30 27.58 -9.62
C ASN A 68 13.72 26.37 -8.89
N LYS A 69 13.11 25.43 -9.62
CA LYS A 69 12.54 24.24 -8.98
C LYS A 69 13.54 23.09 -8.83
N GLN A 70 14.79 23.44 -8.49
CA GLN A 70 15.85 22.44 -8.33
C GLN A 70 17.04 22.89 -7.45
N ASN A 71 16.97 24.09 -6.86
CA ASN A 71 18.06 24.61 -6.00
C ASN A 71 17.82 24.48 -4.49
N PRO A 72 18.82 23.93 -3.76
CA PRO A 72 18.86 23.69 -2.31
C PRO A 72 18.18 24.72 -1.43
N VAL A 73 18.42 25.99 -1.73
CA VAL A 73 17.88 27.12 -0.96
C VAL A 73 16.39 27.43 -1.15
N TYR A 74 15.65 26.51 -1.76
CA TYR A 74 14.22 26.65 -2.00
C TYR A 74 13.61 25.29 -2.32
N ALA A 75 14.43 24.40 -2.84
CA ALA A 75 14.01 23.06 -3.23
C ALA A 75 12.97 22.38 -2.32
N PRO A 76 13.09 22.51 -0.99
CA PRO A 76 12.10 21.85 -0.11
C PRO A 76 10.72 22.55 -0.03
N LEU A 77 10.57 23.64 -0.75
CA LEU A 77 9.33 24.40 -0.72
C LEU A 77 8.59 24.37 -2.05
N TYR A 78 8.93 23.40 -2.91
CA TYR A 78 8.29 23.26 -4.22
C TYR A 78 7.04 22.38 -4.13
N PHE A 79 5.93 23.02 -3.82
CA PHE A 79 4.62 22.37 -3.69
C PHE A 79 3.67 22.94 -4.75
N PRO A 80 3.96 22.71 -6.03
CA PRO A 80 3.14 23.20 -7.15
C PRO A 80 1.61 23.05 -7.04
N GLU A 81 1.12 21.82 -6.87
CA GLU A 81 -0.33 21.61 -6.78
C GLU A 81 -0.99 21.86 -5.44
N GLU A 82 -0.22 22.25 -4.43
CA GLU A 82 -0.81 22.49 -3.11
C GLU A 82 -1.00 23.97 -2.77
N LEU A 83 -0.28 24.85 -3.48
CA LEU A 83 -0.35 26.30 -3.24
C LEU A 83 -0.58 27.18 -4.45
N HIS A 84 0.21 27.02 -5.50
CA HIS A 84 0.08 27.83 -6.70
C HIS A 84 -1.30 28.43 -6.90
N ARG A 85 -1.35 29.75 -7.10
CA ARG A 85 -2.59 30.53 -7.27
C ARG A 85 -2.91 30.94 -8.70
N ARG A 86 -1.91 30.87 -9.56
CA ARG A 86 -2.03 31.27 -10.96
C ARG A 86 -3.34 31.03 -11.70
N ALA A 87 -3.64 29.77 -12.00
CA ALA A 87 -4.85 29.42 -12.77
C ALA A 87 -6.18 29.78 -12.12
N ALA A 88 -6.21 29.82 -10.80
CA ALA A 88 -7.41 30.16 -10.06
C ALA A 88 -7.76 31.62 -10.32
N LEU A 89 -6.73 32.46 -10.36
CA LEU A 89 -6.93 33.89 -10.59
C LEU A 89 -7.24 34.06 -12.06
N GLU A 90 -6.78 33.12 -12.88
CA GLU A 90 -7.05 33.15 -14.30
C GLU A 90 -8.54 32.81 -14.48
N GLN A 91 -9.04 31.92 -13.63
CA GLN A 91 -10.44 31.52 -13.63
C GLN A 91 -11.32 32.66 -13.07
N ASP A 92 -10.70 33.51 -12.25
CA ASP A 92 -11.34 34.66 -11.61
C ASP A 92 -11.27 35.94 -12.45
N MET A 93 -10.11 36.18 -13.04
CA MET A 93 -9.90 37.35 -13.88
C MET A 93 -10.81 37.33 -15.10
N ALA A 94 -11.60 36.26 -15.24
CA ALA A 94 -12.55 36.12 -16.34
C ALA A 94 -13.92 36.36 -15.75
N PHE A 95 -14.03 36.16 -14.44
CA PHE A 95 -15.27 36.37 -13.72
C PHE A 95 -15.33 37.84 -13.29
N TRP A 96 -14.18 38.50 -13.29
CA TRP A 96 -14.11 39.90 -12.90
C TRP A 96 -13.93 40.90 -14.02
N TYR A 97 -13.17 40.52 -15.06
CA TYR A 97 -12.91 41.41 -16.17
C TYR A 97 -13.26 40.89 -17.58
N GLY A 98 -14.03 39.80 -17.62
CA GLY A 98 -14.48 39.23 -18.88
C GLY A 98 -13.51 38.37 -19.67
N PRO A 99 -13.86 38.06 -20.94
CA PRO A 99 -13.03 37.25 -21.84
C PRO A 99 -11.76 38.01 -22.25
N HIS A 100 -11.94 39.25 -22.67
CA HIS A 100 -10.81 40.05 -23.08
C HIS A 100 -10.12 40.56 -21.82
N TRP A 101 -9.83 39.66 -20.87
CA TRP A 101 -9.19 40.05 -19.61
C TRP A 101 -7.67 40.27 -19.67
N GLN A 102 -6.97 39.42 -20.42
CA GLN A 102 -5.51 39.53 -20.53
C GLN A 102 -5.10 40.99 -20.74
N GLU A 103 -5.55 41.60 -21.84
CA GLU A 103 -5.20 42.98 -22.15
C GLU A 103 -6.10 44.03 -21.49
N ALA A 104 -7.23 43.59 -20.92
CA ALA A 104 -8.17 44.49 -20.24
C ALA A 104 -7.80 44.72 -18.77
N ILE A 105 -7.18 43.73 -18.14
CA ILE A 105 -6.78 43.87 -16.75
C ILE A 105 -5.60 44.84 -16.59
N PRO A 106 -5.71 45.72 -15.57
CA PRO A 106 -4.74 46.76 -15.19
C PRO A 106 -3.46 46.22 -14.57
N TYR A 107 -2.44 47.06 -14.56
CA TYR A 107 -1.14 46.71 -14.01
C TYR A 107 -0.52 47.99 -13.44
N THR A 108 -0.97 48.37 -12.24
CA THR A 108 -0.49 49.59 -11.60
C THR A 108 1.00 49.62 -11.44
N PRO A 109 1.56 50.81 -11.17
CA PRO A 109 3.00 50.95 -11.00
C PRO A 109 3.57 50.21 -9.80
N ALA A 110 2.86 50.20 -8.67
CA ALA A 110 3.31 49.50 -7.47
C ALA A 110 3.30 47.99 -7.73
N THR A 111 2.33 47.52 -8.49
CA THR A 111 2.22 46.11 -8.85
C THR A 111 3.46 45.77 -9.66
N GLN A 112 3.91 46.76 -10.44
CA GLN A 112 5.10 46.61 -11.27
C GLN A 112 6.38 46.51 -10.42
N HIS A 113 6.35 47.09 -9.21
CA HIS A 113 7.51 47.08 -8.32
C HIS A 113 7.67 45.76 -7.55
N TYR A 114 6.57 45.04 -7.32
CA TYR A 114 6.66 43.77 -6.61
C TYR A 114 7.31 42.81 -7.59
N VAL A 115 6.69 42.74 -8.77
CA VAL A 115 7.12 41.88 -9.87
C VAL A 115 8.61 42.00 -10.20
N LYS A 116 9.16 43.20 -10.02
CA LYS A 116 10.55 43.45 -10.32
C LYS A 116 11.52 42.88 -9.27
N ARG A 117 11.32 43.22 -8.01
CA ARG A 117 12.19 42.72 -6.94
C ARG A 117 11.95 41.22 -6.86
N LEU A 118 10.92 40.79 -7.61
CA LEU A 118 10.50 39.39 -7.70
C LEU A 118 11.34 38.76 -8.82
N HIS A 119 11.34 39.39 -9.99
CA HIS A 119 12.15 38.88 -11.08
C HIS A 119 13.63 38.99 -10.72
N GLU A 120 14.00 40.14 -10.13
CA GLU A 120 15.39 40.39 -9.72
C GLU A 120 15.90 39.30 -8.78
N VAL A 121 15.03 38.82 -7.91
CA VAL A 121 15.43 37.76 -6.99
C VAL A 121 15.40 36.38 -7.67
N GLY A 122 14.29 36.05 -8.33
CA GLY A 122 14.17 34.75 -8.97
C GLY A 122 15.15 34.39 -10.07
N GLY A 123 16.11 35.27 -10.36
CA GLY A 123 17.06 34.96 -11.42
C GLY A 123 18.54 35.08 -11.07
N THR A 124 18.89 35.95 -10.12
CA THR A 124 20.29 36.16 -9.76
C THR A 124 20.61 36.09 -8.26
N HIS A 125 19.57 35.98 -7.42
CA HIS A 125 19.73 35.89 -5.97
C HIS A 125 18.46 35.25 -5.41
N PRO A 126 18.23 33.96 -5.74
CA PRO A 126 17.06 33.15 -5.32
C PRO A 126 17.09 32.51 -3.93
N GLU A 127 18.01 32.96 -3.09
CA GLU A 127 18.11 32.42 -1.73
C GLU A 127 17.27 33.30 -0.83
N LEU A 128 16.66 34.32 -1.43
CA LEU A 128 15.80 35.26 -0.71
C LEU A 128 14.41 35.01 -1.27
N LEU A 129 14.39 34.21 -2.33
CA LEU A 129 13.17 33.80 -3.00
C LEU A 129 12.39 33.03 -1.98
N VAL A 130 13.10 32.50 -1.00
CA VAL A 130 12.48 31.74 0.08
C VAL A 130 11.52 32.64 0.85
N ALA A 131 11.89 33.92 0.95
CA ALA A 131 11.14 34.94 1.68
C ALA A 131 9.82 35.33 1.02
N HIS A 132 9.81 35.35 -0.31
CA HIS A 132 8.60 35.70 -1.05
C HIS A 132 7.52 34.65 -0.92
N ALA A 133 7.85 33.40 -1.22
CA ALA A 133 6.86 32.34 -1.09
C ALA A 133 6.28 32.31 0.32
N TYR A 134 7.01 32.87 1.28
CA TYR A 134 6.50 32.89 2.65
C TYR A 134 5.55 34.05 2.80
N THR A 135 6.01 35.23 2.39
CA THR A 135 5.21 36.43 2.49
C THR A 135 3.88 36.22 1.78
N ARG A 136 3.91 35.52 0.65
CA ARG A 136 2.70 35.32 -0.13
C ARG A 136 1.78 34.27 0.42
N TYR A 137 1.98 33.04 -0.07
CA TYR A 137 1.23 31.83 0.28
C TYR A 137 0.73 31.75 1.72
N LEU A 138 1.64 31.75 2.69
CA LEU A 138 1.26 31.69 4.09
C LEU A 138 0.60 33.00 4.52
N GLY A 139 1.04 34.10 3.92
CA GLY A 139 0.46 35.39 4.25
C GLY A 139 -0.96 35.45 3.69
N ASP A 140 -1.17 34.75 2.58
CA ASP A 140 -2.47 34.67 1.90
C ASP A 140 -3.34 33.55 2.42
N LEU A 141 -2.70 32.43 2.73
CA LEU A 141 -3.37 31.23 3.22
C LEU A 141 -4.00 31.33 4.59
N SER A 142 -3.14 31.42 5.62
CA SER A 142 -3.58 31.47 7.01
C SER A 142 -5.10 31.41 7.21
N GLY A 143 -5.81 32.41 6.69
CA GLY A 143 -7.27 32.43 6.80
C GLY A 143 -7.90 31.75 5.60
N GLY A 144 -8.04 30.42 5.69
CA GLY A 144 -8.62 29.63 4.63
C GLY A 144 -10.01 30.02 4.12
N GLN A 145 -10.99 29.16 4.39
CA GLN A 145 -12.36 29.39 3.96
C GLN A 145 -13.02 30.43 4.88
N VAL A 146 -12.34 31.55 5.07
CA VAL A 146 -12.83 32.62 5.93
C VAL A 146 -12.91 33.96 5.18
N LEU A 147 -12.32 34.01 4.00
CA LEU A 147 -12.37 35.20 3.15
C LEU A 147 -13.04 34.75 1.84
N LYS A 148 -13.38 33.45 1.77
CA LYS A 148 -14.10 32.90 0.64
C LYS A 148 -15.51 32.73 1.22
N LYS A 149 -15.56 32.08 2.39
CA LYS A 149 -16.79 31.83 3.11
C LYS A 149 -17.17 33.09 3.89
N ILE A 150 -17.04 34.25 3.24
CA ILE A 150 -17.35 35.56 3.81
C ILE A 150 -17.28 36.67 2.75
N ALA A 151 -16.40 36.51 1.77
CA ALA A 151 -16.27 37.51 0.72
C ALA A 151 -17.43 37.34 -0.27
N GLN A 152 -17.73 36.12 -0.66
CA GLN A 152 -18.83 35.93 -1.60
C GLN A 152 -20.19 36.04 -0.96
N LYS A 153 -20.26 35.84 0.35
CA LYS A 153 -21.53 35.98 1.04
C LYS A 153 -21.66 37.43 1.45
N ALA A 154 -20.89 38.27 0.75
CA ALA A 154 -20.87 39.73 0.98
C ALA A 154 -20.38 40.42 -0.29
N MET A 155 -20.97 40.05 -1.43
CA MET A 155 -20.63 40.61 -2.74
C MET A 155 -21.55 40.02 -3.80
N ALA A 156 -22.57 39.29 -3.36
CA ALA A 156 -23.51 38.67 -4.29
C ALA A 156 -22.72 37.87 -5.31
N LEU A 157 -21.82 37.02 -4.81
CA LEU A 157 -20.97 36.15 -5.61
C LEU A 157 -21.52 34.71 -5.53
N PRO A 158 -21.19 33.86 -6.52
CA PRO A 158 -21.63 32.46 -6.59
C PRO A 158 -21.21 31.64 -5.36
N SER A 159 -22.10 30.76 -4.91
CA SER A 159 -21.84 29.93 -3.73
C SER A 159 -20.91 28.76 -3.99
N SER A 160 -20.74 28.40 -5.26
CA SER A 160 -19.86 27.29 -5.61
C SER A 160 -18.38 27.69 -5.50
N GLY A 161 -18.13 28.98 -5.28
CA GLY A 161 -16.76 29.45 -5.15
C GLY A 161 -16.29 30.36 -6.27
N GLU A 162 -16.83 30.14 -7.47
CA GLU A 162 -16.49 30.93 -8.65
C GLU A 162 -16.17 32.38 -8.32
N GLY A 163 -15.06 32.87 -8.85
CA GLY A 163 -14.66 34.25 -8.58
C GLY A 163 -13.68 34.35 -7.44
N LEU A 164 -13.93 33.58 -6.38
CA LEU A 164 -13.06 33.55 -5.21
C LEU A 164 -12.27 32.24 -5.22
N ALA A 165 -11.48 32.08 -6.29
CA ALA A 165 -10.63 30.92 -6.51
C ALA A 165 -9.21 31.09 -5.93
N PHE A 166 -8.83 32.35 -5.65
CA PHE A 166 -7.53 32.63 -5.07
C PHE A 166 -7.60 32.18 -3.60
N PHE A 167 -8.81 31.96 -3.12
CA PHE A 167 -9.05 31.57 -1.74
C PHE A 167 -9.39 30.09 -1.51
N THR A 168 -9.28 29.25 -2.55
CA THR A 168 -9.56 27.83 -2.39
C THR A 168 -8.35 27.00 -2.81
N PHE A 169 -8.04 26.01 -1.98
CA PHE A 169 -6.93 25.07 -2.18
C PHE A 169 -7.48 23.66 -2.09
N PRO A 170 -7.85 23.06 -3.26
CA PRO A 170 -8.41 21.70 -3.39
C PRO A 170 -7.38 20.61 -3.10
N SER A 171 -6.27 21.02 -2.49
CA SER A 171 -5.23 20.07 -2.18
C SER A 171 -4.70 20.34 -0.77
N ILE A 172 -5.57 20.83 0.12
CA ILE A 172 -5.19 21.09 1.49
C ILE A 172 -6.32 20.76 2.47
N ASP A 173 -6.29 19.51 2.92
CA ASP A 173 -7.25 18.94 3.86
C ASP A 173 -7.14 19.65 5.20
N ASN A 174 -5.90 19.82 5.65
CA ASN A 174 -5.58 20.47 6.91
C ASN A 174 -4.54 21.54 6.61
N PRO A 175 -4.98 22.78 6.36
CA PRO A 175 -4.09 23.90 6.05
C PRO A 175 -3.18 24.33 7.18
N THR A 176 -3.71 24.31 8.41
CA THR A 176 -2.91 24.69 9.57
C THR A 176 -1.78 23.68 9.68
N LYS A 177 -2.00 22.51 9.09
CA LYS A 177 -1.03 21.43 9.08
C LYS A 177 -0.10 21.58 7.89
N PHE A 178 -0.59 22.22 6.83
CA PHE A 178 0.26 22.43 5.68
C PHE A 178 1.31 23.43 6.12
N LYS A 179 0.92 24.32 7.03
CA LYS A 179 1.81 25.34 7.57
C LYS A 179 2.97 24.68 8.32
N GLN A 180 2.68 23.65 9.11
CA GLN A 180 3.75 22.96 9.82
C GLN A 180 4.73 22.35 8.81
N LEU A 181 4.18 21.96 7.67
CA LEU A 181 4.92 21.32 6.58
C LEU A 181 5.68 22.26 5.61
N TYR A 182 5.32 23.56 5.62
CA TYR A 182 6.01 24.51 4.75
C TYR A 182 7.05 25.18 5.65
N ARG A 183 6.62 25.50 6.87
CA ARG A 183 7.54 26.14 7.80
C ARG A 183 8.67 25.16 8.12
N ALA A 184 8.32 23.89 8.28
CA ALA A 184 9.31 22.86 8.57
C ALA A 184 10.31 22.74 7.42
N ARG A 185 9.83 22.92 6.20
CA ARG A 185 10.69 22.84 5.02
C ARG A 185 11.64 24.03 4.97
N MET A 186 11.32 25.07 5.75
CA MET A 186 12.14 26.27 5.84
C MET A 186 13.27 26.00 6.84
N ASN A 187 13.17 24.84 7.50
CA ASN A 187 14.14 24.39 8.50
C ASN A 187 15.22 23.50 7.89
N THR A 188 14.93 22.91 6.73
CA THR A 188 15.90 22.05 6.07
C THR A 188 16.82 22.95 5.27
N LEU A 189 16.30 24.13 4.92
CA LEU A 189 17.02 25.14 4.15
C LEU A 189 18.27 25.58 4.84
N GLU A 190 19.41 25.07 4.37
CA GLU A 190 20.70 25.41 4.94
C GLU A 190 21.17 26.71 4.31
N MET A 191 21.74 27.57 5.15
CA MET A 191 22.28 28.84 4.69
C MET A 191 23.17 29.46 5.75
N THR A 192 24.25 30.07 5.30
CA THR A 192 25.18 30.73 6.21
C THR A 192 24.47 31.89 6.88
N PRO A 193 25.21 32.72 7.60
CA PRO A 193 24.56 33.85 8.25
C PRO A 193 24.47 35.10 7.36
N GLU A 194 25.46 35.32 6.50
CA GLU A 194 25.45 36.49 5.61
C GLU A 194 24.24 36.48 4.67
N VAL A 195 23.67 35.30 4.48
CA VAL A 195 22.50 35.08 3.63
C VAL A 195 21.24 35.14 4.49
N LYS A 196 21.22 34.37 5.58
CA LYS A 196 20.06 34.37 6.47
C LYS A 196 19.74 35.79 6.91
N HIS A 197 20.64 36.72 6.60
CA HIS A 197 20.44 38.13 6.96
C HIS A 197 19.78 38.84 5.77
N ARG A 198 20.05 38.33 4.57
CA ARG A 198 19.46 38.89 3.37
C ARG A 198 18.06 38.34 3.12
N VAL A 199 17.81 37.09 3.54
CA VAL A 199 16.48 36.45 3.40
C VAL A 199 15.47 37.20 4.23
N THR A 200 15.88 37.55 5.44
CA THR A 200 15.07 38.28 6.41
C THR A 200 14.85 39.75 6.02
N GLU A 201 15.91 40.45 5.62
CA GLU A 201 15.77 41.84 5.22
C GLU A 201 14.99 41.94 3.90
N GLU A 202 14.98 40.83 3.15
CA GLU A 202 14.27 40.73 1.87
C GLU A 202 12.76 40.61 2.11
N ALA A 203 12.37 39.82 3.12
CA ALA A 203 10.97 39.62 3.48
C ALA A 203 10.36 40.95 3.89
N LYS A 204 11.12 41.75 4.63
CA LYS A 204 10.65 43.07 5.03
C LYS A 204 10.38 43.78 3.72
N THR A 205 11.27 43.57 2.76
CA THR A 205 11.15 44.18 1.45
C THR A 205 9.77 43.81 0.96
N ALA A 206 9.45 42.54 0.94
CA ALA A 206 8.13 42.09 0.52
C ALA A 206 7.06 42.51 1.53
N PHE A 207 7.44 42.68 2.80
CA PHE A 207 6.49 43.13 3.83
C PHE A 207 6.26 44.60 3.52
N LEU A 208 7.27 45.21 2.89
CA LEU A 208 7.22 46.60 2.49
C LEU A 208 6.53 46.66 1.13
N LEU A 209 6.89 45.74 0.23
CA LEU A 209 6.32 45.68 -1.11
C LEU A 209 4.81 45.40 -1.10
N ASN A 210 4.36 44.65 -0.10
CA ASN A 210 2.95 44.30 0.03
C ASN A 210 2.10 45.50 0.42
N ILE A 211 2.51 46.17 1.50
CA ILE A 211 1.82 47.33 2.02
C ILE A 211 1.70 48.43 0.98
N GLU A 212 2.83 48.80 0.37
CA GLU A 212 2.86 49.83 -0.66
C GLU A 212 1.79 49.59 -1.72
N LEU A 213 1.39 48.33 -1.88
CA LEU A 213 0.38 47.97 -2.86
C LEU A 213 -1.00 48.35 -2.37
N PHE A 214 -1.48 47.67 -1.33
CA PHE A 214 -2.81 47.95 -0.81
C PHE A 214 -2.98 49.40 -0.34
N GLU A 215 -1.94 50.21 -0.51
CA GLU A 215 -2.01 51.62 -0.14
C GLU A 215 -2.25 52.39 -1.44
N GLU A 216 -1.53 52.00 -2.49
CA GLU A 216 -1.69 52.62 -3.81
C GLU A 216 -3.06 52.21 -4.36
N LEU A 217 -3.50 51.01 -3.97
CA LEU A 217 -4.78 50.46 -4.41
C LEU A 217 -5.92 51.11 -3.65
N GLN A 218 -5.56 51.85 -2.61
CA GLN A 218 -6.54 52.54 -1.78
C GLN A 218 -6.63 53.97 -2.29
N ALA A 219 -5.47 54.50 -2.66
CA ALA A 219 -5.35 55.85 -3.18
C ALA A 219 -5.69 55.91 -4.66
N LEU A 220 -5.51 54.79 -5.36
CA LEU A 220 -5.81 54.75 -6.79
C LEU A 220 -7.32 54.85 -6.97
N LEU A 221 -8.05 54.56 -5.89
CA LEU A 221 -9.50 54.61 -5.91
C LEU A 221 -10.05 56.01 -5.65
N THR A 222 -9.30 56.80 -4.88
CA THR A 222 -9.68 58.17 -4.53
C THR A 222 -10.57 58.87 -5.56
N GLU A 223 -10.06 59.01 -6.78
CA GLU A 223 -10.82 59.66 -7.83
C GLU A 223 -11.36 58.63 -8.83
N GLU A 224 -12.56 58.13 -8.57
CA GLU A 224 -13.21 57.16 -9.45
C GLU A 224 -14.74 57.18 -9.33
N HIS A 225 -15.37 58.03 -10.14
CA HIS A 225 -16.83 58.18 -10.14
C HIS A 225 -17.56 56.85 -10.41
N SER B 31 -7.42 -5.65 -13.65
CA SER B 31 -6.66 -5.10 -14.80
C SER B 31 -5.17 -5.42 -14.64
N GLU B 32 -4.33 -4.64 -15.31
CA GLU B 32 -2.87 -4.79 -15.30
C GLU B 32 -2.21 -4.42 -13.98
N PHE B 33 -2.42 -3.19 -13.54
CA PHE B 33 -1.85 -2.71 -12.29
C PHE B 33 -2.65 -3.31 -11.15
N MET B 34 -3.66 -4.10 -11.49
CA MET B 34 -4.46 -4.76 -10.47
C MET B 34 -3.55 -5.77 -9.80
N ARG B 35 -3.10 -6.75 -10.59
CA ARG B 35 -2.21 -7.80 -10.12
C ARG B 35 -0.80 -7.26 -9.89
N ASN B 36 -0.54 -6.08 -10.43
CA ASN B 36 0.77 -5.43 -10.31
C ASN B 36 1.06 -4.89 -8.91
N PHE B 37 0.02 -4.77 -8.09
CA PHE B 37 0.21 -4.31 -6.72
C PHE B 37 0.33 -5.56 -5.87
N GLN B 38 -0.68 -6.41 -5.98
CA GLN B 38 -0.73 -7.67 -5.26
C GLN B 38 0.46 -8.56 -5.63
N LYS B 39 0.17 -9.72 -6.23
CA LYS B 39 1.18 -10.69 -6.67
C LYS B 39 2.62 -10.39 -6.25
N GLY B 40 3.19 -9.32 -6.80
CA GLY B 40 4.56 -8.94 -6.48
C GLY B 40 4.83 -7.47 -6.71
N GLN B 41 5.58 -7.19 -7.77
CA GLN B 41 5.98 -5.84 -8.18
C GLN B 41 5.57 -4.70 -7.24
N VAL B 42 4.53 -3.98 -7.64
CA VAL B 42 4.04 -2.85 -6.87
C VAL B 42 5.23 -2.13 -6.23
N SER B 43 6.16 -1.72 -7.10
CA SER B 43 7.37 -1.00 -6.76
C SER B 43 7.38 -0.20 -5.45
N ARG B 44 8.57 0.20 -5.04
CA ARG B 44 8.74 0.96 -3.81
C ARG B 44 7.76 2.14 -3.76
N GLU B 45 8.00 3.18 -4.58
CA GLU B 45 7.14 4.38 -4.63
C GLU B 45 5.71 4.03 -5.07
N GLY B 46 5.56 2.93 -5.79
CA GLY B 46 4.24 2.51 -6.25
C GLY B 46 3.40 2.00 -5.10
N PHE B 47 3.85 0.93 -4.46
CA PHE B 47 3.15 0.35 -3.32
C PHE B 47 2.72 1.50 -2.42
N LYS B 48 3.70 2.33 -2.08
CA LYS B 48 3.54 3.51 -1.25
C LYS B 48 2.28 4.30 -1.60
N LEU B 49 2.19 4.71 -2.86
CA LEU B 49 1.07 5.50 -3.37
C LEU B 49 -0.33 4.84 -3.30
N VAL B 50 -0.37 3.52 -3.55
CA VAL B 50 -1.63 2.76 -3.53
C VAL B 50 -2.24 2.73 -2.15
N MET B 51 -1.39 2.68 -1.14
CA MET B 51 -1.85 2.61 0.22
C MET B 51 -2.26 3.98 0.69
N ALA B 52 -1.74 5.00 0.01
CA ALA B 52 -2.05 6.37 0.39
C ALA B 52 -3.47 6.68 -0.02
N SER B 53 -3.92 5.95 -1.05
CA SER B 53 -5.27 6.10 -1.58
C SER B 53 -6.21 5.28 -0.73
N LEU B 54 -5.83 4.04 -0.48
CA LEU B 54 -6.63 3.18 0.33
C LEU B 54 -6.91 3.95 1.60
N TYR B 55 -5.95 4.73 2.09
CA TYR B 55 -6.20 5.55 3.30
C TYR B 55 -7.53 6.29 3.15
N HIS B 56 -7.68 7.05 2.07
CA HIS B 56 -8.91 7.79 1.81
C HIS B 56 -10.14 6.88 1.76
N ILE B 57 -10.14 5.94 0.82
CA ILE B 57 -11.27 5.00 0.68
C ILE B 57 -11.70 4.37 2.02
N TYR B 58 -10.74 3.78 2.75
CA TYR B 58 -11.01 3.12 4.04
C TYR B 58 -11.17 4.10 5.19
N THR B 59 -11.09 5.39 4.91
CA THR B 59 -11.30 6.39 5.96
C THR B 59 -12.62 7.05 5.57
N ALA B 60 -12.98 6.86 4.30
CA ALA B 60 -14.23 7.36 3.74
C ALA B 60 -15.30 6.32 4.05
N LEU B 61 -14.99 5.06 3.72
CA LEU B 61 -15.86 3.90 3.93
C LEU B 61 -16.08 3.56 5.40
N GLU B 62 -15.49 4.34 6.30
CA GLU B 62 -15.66 4.07 7.73
C GLU B 62 -16.39 5.15 8.47
N GLU B 63 -16.11 6.41 8.14
CA GLU B 63 -16.83 7.48 8.78
C GLU B 63 -18.29 7.32 8.36
N GLU B 64 -18.48 6.48 7.35
CA GLU B 64 -19.80 6.14 6.81
C GLU B 64 -20.34 4.86 7.45
N ILE B 65 -19.45 4.05 8.03
CA ILE B 65 -19.85 2.81 8.70
C ILE B 65 -20.29 3.17 10.11
N GLU B 66 -19.80 4.31 10.59
CA GLU B 66 -20.13 4.83 11.91
C GLU B 66 -21.55 5.41 11.87
N ARG B 67 -21.82 6.21 10.85
CA ARG B 67 -23.12 6.82 10.69
C ARG B 67 -24.27 5.81 10.77
N ASN B 68 -24.07 4.62 10.21
CA ASN B 68 -25.13 3.62 10.23
C ASN B 68 -24.85 2.30 10.92
N LYS B 69 -24.19 2.33 12.08
CA LYS B 69 -23.90 1.09 12.81
C LYS B 69 -25.13 0.42 13.43
N GLN B 70 -26.17 1.21 13.70
CA GLN B 70 -27.40 0.68 14.29
C GLN B 70 -28.41 0.46 13.17
N ASN B 71 -28.15 1.04 12.00
CA ASN B 71 -29.04 0.89 10.85
C ASN B 71 -29.13 -0.57 10.46
N PRO B 72 -30.29 -1.20 10.72
CA PRO B 72 -30.54 -2.60 10.39
C PRO B 72 -30.02 -2.95 9.02
N VAL B 73 -30.11 -2.00 8.08
CA VAL B 73 -29.67 -2.22 6.70
C VAL B 73 -28.16 -2.49 6.50
N TYR B 74 -27.38 -2.35 7.58
CA TYR B 74 -25.95 -2.64 7.51
C TYR B 74 -25.45 -3.34 8.78
N ALA B 75 -25.83 -2.78 9.93
CA ALA B 75 -25.47 -3.30 11.25
C ALA B 75 -25.08 -4.76 11.34
N PRO B 76 -25.83 -5.66 10.66
CA PRO B 76 -25.48 -7.09 10.72
C PRO B 76 -24.08 -7.36 10.19
N LEU B 77 -23.33 -6.31 9.90
CA LEU B 77 -21.98 -6.42 9.38
C LEU B 77 -20.98 -5.56 10.13
N TYR B 78 -21.45 -4.81 11.12
CA TYR B 78 -20.52 -3.98 11.83
C TYR B 78 -19.43 -4.84 12.50
N PHE B 79 -18.17 -4.52 12.17
CA PHE B 79 -17.01 -5.24 12.71
C PHE B 79 -15.76 -4.37 12.81
N PRO B 80 -15.72 -3.43 13.77
CA PRO B 80 -14.57 -2.55 13.94
C PRO B 80 -13.32 -3.26 14.50
N GLU B 81 -13.47 -3.95 15.62
CA GLU B 81 -12.35 -4.66 16.23
C GLU B 81 -11.69 -5.58 15.23
N GLU B 82 -12.44 -6.57 14.75
CA GLU B 82 -11.91 -7.54 13.81
C GLU B 82 -11.30 -6.90 12.57
N LEU B 83 -12.17 -6.34 11.73
CA LEU B 83 -11.73 -5.72 10.51
C LEU B 83 -12.21 -4.31 10.25
N HIS B 84 -11.38 -3.30 10.54
CA HIS B 84 -11.79 -1.93 10.25
C HIS B 84 -10.74 -1.14 9.43
N ARG B 85 -9.47 -1.12 9.81
CA ARG B 85 -8.44 -0.45 8.99
C ARG B 85 -8.00 1.04 9.09
N ARG B 86 -8.88 1.97 9.45
CA ARG B 86 -8.45 3.37 9.55
C ARG B 86 -7.21 3.46 10.43
N ALA B 87 -7.21 2.71 11.52
CA ALA B 87 -6.08 2.73 12.45
C ALA B 87 -4.77 2.23 11.82
N ALA B 88 -4.85 1.13 11.09
CA ALA B 88 -3.69 0.55 10.44
C ALA B 88 -3.14 1.45 9.33
N LEU B 89 -4.02 2.05 8.54
CA LEU B 89 -3.57 2.95 7.47
C LEU B 89 -3.04 4.26 8.06
N GLU B 90 -3.38 4.53 9.31
CA GLU B 90 -2.87 5.73 9.95
C GLU B 90 -1.47 5.45 10.49
N GLN B 91 -1.16 4.19 10.81
CA GLN B 91 0.19 3.85 11.28
C GLN B 91 1.08 3.54 10.05
N ASP B 92 0.47 2.95 9.02
CA ASP B 92 1.18 2.62 7.79
C ASP B 92 1.52 3.90 7.06
N MET B 93 0.67 4.91 7.21
CA MET B 93 0.90 6.19 6.55
C MET B 93 1.98 7.06 7.23
N ALA B 94 2.05 7.03 8.56
CA ALA B 94 3.06 7.82 9.25
C ALA B 94 4.45 7.23 9.03
N PHE B 95 4.51 6.04 8.43
CA PHE B 95 5.75 5.31 8.14
C PHE B 95 6.33 5.77 6.80
N TRP B 96 5.69 5.35 5.71
CA TRP B 96 6.16 5.70 4.39
C TRP B 96 6.33 7.18 4.19
N TYR B 97 5.68 7.98 5.03
CA TYR B 97 5.69 9.44 4.90
C TYR B 97 6.27 10.30 6.04
N GLY B 98 6.10 9.89 7.30
CA GLY B 98 6.64 10.70 8.36
C GLY B 98 5.63 11.43 9.21
N PRO B 99 6.06 12.47 9.99
CA PRO B 99 5.25 13.30 10.89
C PRO B 99 4.14 14.12 10.22
N HIS B 100 4.25 14.29 8.91
CA HIS B 100 3.27 15.06 8.15
C HIS B 100 2.76 14.24 6.98
N TRP B 101 2.13 13.11 7.29
CA TRP B 101 1.60 12.21 6.25
C TRP B 101 0.25 12.66 5.73
N GLN B 102 -0.53 13.34 6.57
CA GLN B 102 -1.85 13.82 6.18
C GLN B 102 -1.71 14.81 5.03
N GLU B 103 -0.50 15.32 4.83
CA GLU B 103 -0.28 16.30 3.77
C GLU B 103 0.56 15.74 2.61
N ALA B 104 1.38 14.73 2.89
CA ALA B 104 2.20 14.11 1.87
C ALA B 104 1.43 12.96 1.21
N ILE B 105 0.21 12.73 1.69
CA ILE B 105 -0.63 11.67 1.13
C ILE B 105 -1.16 12.04 -0.23
N PRO B 106 -0.65 11.40 -1.28
CA PRO B 106 -1.13 11.71 -2.62
C PRO B 106 -2.63 11.45 -2.70
N TYR B 107 -3.42 12.52 -2.71
CA TYR B 107 -4.86 12.38 -2.80
C TYR B 107 -5.26 12.57 -4.26
N THR B 108 -4.98 11.56 -5.09
CA THR B 108 -5.27 11.61 -6.53
C THR B 108 -6.73 11.86 -6.93
N PRO B 109 -6.95 12.19 -8.21
CA PRO B 109 -8.31 12.46 -8.68
C PRO B 109 -9.24 11.24 -8.59
N ALA B 110 -8.82 10.13 -9.21
CA ALA B 110 -9.61 8.91 -9.22
C ALA B 110 -9.89 8.39 -7.82
N THR B 111 -9.37 9.08 -6.81
CA THR B 111 -9.60 8.69 -5.43
C THR B 111 -10.51 9.69 -4.71
N GLN B 112 -10.56 10.93 -5.22
CA GLN B 112 -11.45 11.94 -4.64
C GLN B 112 -12.84 11.52 -5.08
N HIS B 113 -12.86 10.64 -6.09
CA HIS B 113 -14.09 10.11 -6.70
C HIS B 113 -14.72 9.03 -5.81
N TYR B 114 -13.91 8.04 -5.45
CA TYR B 114 -14.32 6.91 -4.60
C TYR B 114 -14.83 7.39 -3.23
N VAL B 115 -14.17 8.41 -2.68
CA VAL B 115 -14.55 8.96 -1.38
C VAL B 115 -15.94 9.59 -1.46
N LYS B 116 -16.23 10.24 -2.58
CA LYS B 116 -17.54 10.87 -2.76
C LYS B 116 -18.58 9.77 -2.77
N ARG B 117 -18.40 8.79 -3.66
CA ARG B 117 -19.32 7.70 -3.76
C ARG B 117 -19.63 7.24 -2.36
N LEU B 118 -18.65 6.63 -1.72
CA LEU B 118 -18.82 6.15 -0.36
C LEU B 118 -19.70 7.11 0.46
N HIS B 119 -19.44 8.40 0.30
CA HIS B 119 -20.15 9.43 1.04
C HIS B 119 -21.53 9.78 0.51
N GLU B 120 -21.84 9.29 -0.68
CA GLU B 120 -23.14 9.51 -1.31
C GLU B 120 -23.86 8.19 -1.14
N VAL B 121 -23.06 7.13 -0.94
CA VAL B 121 -23.56 5.77 -0.74
C VAL B 121 -23.86 5.71 0.76
N GLY B 122 -23.03 6.40 1.53
CA GLY B 122 -23.18 6.44 2.97
C GLY B 122 -24.08 7.61 3.33
N GLY B 123 -23.85 8.76 2.69
CA GLY B 123 -24.70 9.90 2.98
C GLY B 123 -26.18 9.64 2.69
N THR B 124 -26.50 9.14 1.48
CA THR B 124 -27.89 8.90 1.10
C THR B 124 -28.41 7.52 0.61
N HIS B 125 -27.63 6.46 0.80
CA HIS B 125 -28.06 5.11 0.41
C HIS B 125 -27.37 4.05 1.25
N PRO B 126 -27.63 4.03 2.57
CA PRO B 126 -27.02 3.06 3.49
C PRO B 126 -27.16 1.61 3.05
N GLU B 127 -28.37 1.26 2.59
CA GLU B 127 -28.66 -0.09 2.13
C GLU B 127 -27.73 -0.48 0.99
N LEU B 128 -26.77 0.39 0.71
CA LEU B 128 -25.80 0.12 -0.35
C LEU B 128 -24.38 -0.08 0.18
N LEU B 129 -24.02 0.71 1.20
CA LEU B 129 -22.70 0.64 1.79
C LEU B 129 -22.23 -0.81 1.73
N VAL B 130 -23.08 -1.72 2.20
CA VAL B 130 -22.76 -3.14 2.22
C VAL B 130 -22.11 -3.64 0.93
N ALA B 131 -22.61 -3.16 -0.21
CA ALA B 131 -22.06 -3.57 -1.50
C ALA B 131 -20.54 -3.42 -1.44
N HIS B 132 -20.10 -2.21 -1.08
CA HIS B 132 -18.69 -1.88 -0.95
C HIS B 132 -18.04 -2.61 0.21
N ALA B 133 -18.83 -2.86 1.26
CA ALA B 133 -18.35 -3.59 2.43
C ALA B 133 -17.79 -4.90 1.90
N TYR B 134 -18.67 -5.79 1.44
CA TYR B 134 -18.30 -7.08 0.87
C TYR B 134 -16.84 -7.08 0.38
N THR B 135 -16.61 -6.43 -0.76
CA THR B 135 -15.29 -6.33 -1.39
C THR B 135 -14.16 -5.85 -0.46
N ARG B 136 -14.09 -4.53 -0.27
CA ARG B 136 -13.07 -3.90 0.54
C ARG B 136 -12.49 -4.74 1.67
N TYR B 137 -13.29 -5.60 2.30
CA TYR B 137 -12.76 -6.39 3.43
C TYR B 137 -12.34 -7.82 3.12
N LEU B 138 -13.32 -8.67 2.77
CA LEU B 138 -13.05 -10.08 2.47
C LEU B 138 -11.86 -10.23 1.53
N GLY B 139 -11.77 -9.32 0.55
CA GLY B 139 -10.69 -9.36 -0.41
C GLY B 139 -9.37 -8.99 0.21
N ASP B 140 -9.37 -7.88 0.94
CA ASP B 140 -8.17 -7.37 1.60
C ASP B 140 -7.81 -8.26 2.79
N LEU B 141 -8.81 -9.03 3.26
CA LEU B 141 -8.63 -9.97 4.37
C LEU B 141 -8.29 -11.34 3.78
N SER B 142 -9.28 -11.94 3.11
CA SER B 142 -9.10 -13.23 2.47
C SER B 142 -8.35 -12.93 1.19
N GLY B 143 -7.15 -12.39 1.35
CA GLY B 143 -6.31 -12.04 0.21
C GLY B 143 -5.29 -10.99 0.58
N GLY B 144 -4.37 -11.37 1.48
CA GLY B 144 -3.34 -10.46 1.92
C GLY B 144 -2.33 -11.12 2.83
N GLN B 145 -2.76 -12.14 3.55
CA GLN B 145 -1.87 -12.87 4.46
C GLN B 145 -0.58 -13.07 3.71
N VAL B 146 -0.71 -13.53 2.46
CA VAL B 146 0.43 -13.79 1.60
C VAL B 146 1.09 -12.50 1.14
N LEU B 147 0.31 -11.46 0.95
CA LEU B 147 0.84 -10.17 0.53
C LEU B 147 1.83 -9.58 1.55
N LYS B 148 1.44 -9.55 2.82
CA LYS B 148 2.26 -9.02 3.90
C LYS B 148 3.65 -9.65 3.87
N LYS B 149 3.66 -10.96 3.62
CA LYS B 149 4.87 -11.77 3.55
C LYS B 149 5.71 -11.47 2.31
N ILE B 150 5.04 -11.19 1.20
CA ILE B 150 5.71 -10.88 -0.04
C ILE B 150 6.29 -9.46 0.06
N ALA B 151 5.47 -8.54 0.52
CA ALA B 151 5.86 -7.14 0.65
C ALA B 151 7.07 -6.88 1.53
N GLN B 152 6.98 -7.30 2.79
CA GLN B 152 8.08 -7.03 3.72
C GLN B 152 9.40 -7.67 3.34
N LYS B 153 9.37 -8.84 2.73
CA LYS B 153 10.63 -9.46 2.36
C LYS B 153 11.17 -8.82 1.09
N ALA B 154 10.30 -8.63 0.10
CA ALA B 154 10.71 -8.02 -1.16
C ALA B 154 11.22 -6.58 -1.00
N MET B 155 10.83 -5.94 0.10
CA MET B 155 11.26 -4.57 0.33
C MET B 155 11.92 -4.48 1.70
N ALA B 156 11.97 -5.62 2.39
CA ALA B 156 12.57 -5.72 3.72
C ALA B 156 12.17 -4.64 4.72
N LEU B 157 10.91 -4.66 5.16
CA LEU B 157 10.40 -3.69 6.14
C LEU B 157 10.70 -4.20 7.55
N PRO B 158 10.61 -3.32 8.57
CA PRO B 158 10.87 -3.70 9.96
C PRO B 158 10.22 -5.00 10.43
N SER B 159 11.05 -5.88 10.99
CA SER B 159 10.59 -7.16 11.50
C SER B 159 9.41 -6.97 12.44
N SER B 160 9.28 -5.75 12.98
CA SER B 160 8.18 -5.43 13.87
C SER B 160 6.83 -5.50 13.14
N GLY B 161 6.90 -5.51 11.81
CA GLY B 161 5.69 -5.58 11.02
C GLY B 161 5.35 -4.17 10.60
N GLU B 162 6.39 -3.37 10.43
CA GLU B 162 6.25 -1.99 10.05
C GLU B 162 5.95 -1.73 8.59
N GLY B 163 5.07 -0.76 8.36
CA GLY B 163 4.67 -0.39 7.02
C GLY B 163 3.65 -1.34 6.42
N LEU B 164 3.42 -2.47 7.09
CA LEU B 164 2.47 -3.46 6.62
C LEU B 164 1.28 -3.72 7.54
N ALA B 165 0.95 -2.73 8.38
CA ALA B 165 -0.18 -2.86 9.29
C ALA B 165 -1.47 -3.29 8.57
N PHE B 166 -1.90 -2.52 7.57
CA PHE B 166 -3.09 -2.79 6.75
C PHE B 166 -3.38 -4.29 6.58
N PHE B 167 -2.30 -5.07 6.42
CA PHE B 167 -2.39 -6.51 6.18
C PHE B 167 -2.35 -7.36 7.43
N THR B 168 -2.79 -6.79 8.55
CA THR B 168 -2.77 -7.51 9.79
C THR B 168 -4.05 -7.29 10.58
N PHE B 169 -4.69 -8.40 10.97
CA PHE B 169 -5.91 -8.35 11.75
C PHE B 169 -5.73 -8.93 13.13
N PRO B 170 -4.79 -8.39 13.92
CA PRO B 170 -4.58 -8.93 15.26
C PRO B 170 -5.88 -9.38 15.92
N SER B 171 -6.93 -8.58 15.74
CA SER B 171 -8.25 -8.87 16.30
C SER B 171 -8.94 -10.02 15.57
N ILE B 172 -8.16 -10.84 14.85
CA ILE B 172 -8.67 -12.00 14.09
C ILE B 172 -7.57 -13.06 13.91
N ASP B 173 -7.75 -14.23 14.52
CA ASP B 173 -6.76 -15.31 14.43
C ASP B 173 -6.87 -16.15 13.16
N ASN B 174 -8.08 -16.62 12.85
CA ASN B 174 -8.31 -17.43 11.66
C ASN B 174 -9.29 -16.73 10.73
N PRO B 175 -8.82 -16.30 9.54
CA PRO B 175 -9.59 -15.60 8.51
C PRO B 175 -10.59 -16.41 7.68
N THR B 176 -10.46 -17.74 7.66
CA THR B 176 -11.38 -18.55 6.88
C THR B 176 -12.60 -18.92 7.73
N LYS B 177 -12.52 -18.65 9.03
CA LYS B 177 -13.63 -18.95 9.93
C LYS B 177 -14.40 -17.65 10.13
N PHE B 178 -13.86 -16.57 9.57
CA PHE B 178 -14.52 -15.27 9.68
C PHE B 178 -15.33 -15.03 8.43
N LYS B 179 -14.73 -15.29 7.27
CA LYS B 179 -15.42 -15.11 5.99
C LYS B 179 -16.75 -15.86 6.12
N GLN B 180 -16.72 -16.99 6.81
CA GLN B 180 -17.91 -17.80 7.04
C GLN B 180 -18.86 -17.00 7.93
N LEU B 181 -18.28 -16.32 8.92
CA LEU B 181 -19.05 -15.49 9.85
C LEU B 181 -19.48 -14.22 9.15
N TYR B 182 -18.59 -13.65 8.34
CA TYR B 182 -18.93 -12.43 7.64
C TYR B 182 -20.00 -12.77 6.61
N ARG B 183 -19.68 -13.69 5.71
CA ARG B 183 -20.60 -14.10 4.65
C ARG B 183 -21.97 -14.55 5.17
N ALA B 184 -22.00 -15.09 6.39
CA ALA B 184 -23.23 -15.59 7.00
C ALA B 184 -24.17 -14.50 7.51
N ARG B 185 -23.61 -13.46 8.12
CA ARG B 185 -24.44 -12.35 8.61
C ARG B 185 -24.98 -11.65 7.37
N MET B 186 -24.06 -11.39 6.45
CA MET B 186 -24.35 -10.76 5.17
C MET B 186 -25.67 -11.31 4.66
N ASN B 187 -25.83 -12.63 4.74
CA ASN B 187 -27.04 -13.31 4.29
C ASN B 187 -28.23 -13.14 5.22
N THR B 188 -27.98 -12.77 6.48
CA THR B 188 -29.07 -12.59 7.45
C THR B 188 -29.76 -11.26 7.20
N LEU B 189 -29.34 -10.58 6.13
CA LEU B 189 -29.89 -9.28 5.81
C LEU B 189 -31.06 -9.38 4.83
N GLU B 190 -32.23 -9.00 5.33
CA GLU B 190 -33.48 -9.02 4.58
C GLU B 190 -33.65 -7.84 3.61
N MET B 191 -33.76 -8.15 2.31
CA MET B 191 -33.95 -7.14 1.27
C MET B 191 -34.85 -7.55 0.10
N THR B 192 -35.70 -6.61 -0.32
CA THR B 192 -36.64 -6.83 -1.41
C THR B 192 -35.86 -7.10 -2.69
N PRO B 193 -36.53 -7.65 -3.70
CA PRO B 193 -35.76 -7.88 -4.93
C PRO B 193 -35.28 -6.51 -5.41
N GLU B 194 -36.07 -5.48 -5.11
CA GLU B 194 -35.81 -4.08 -5.48
C GLU B 194 -34.44 -3.60 -4.99
N VAL B 195 -34.21 -3.72 -3.69
CA VAL B 195 -32.93 -3.32 -3.08
C VAL B 195 -31.81 -4.23 -3.59
N LYS B 196 -32.05 -5.54 -3.59
CA LYS B 196 -31.03 -6.49 -4.06
C LYS B 196 -30.40 -5.98 -5.36
N HIS B 197 -31.18 -5.88 -6.43
CA HIS B 197 -30.65 -5.40 -7.70
C HIS B 197 -29.80 -4.14 -7.48
N ARG B 198 -30.39 -3.14 -6.83
CA ARG B 198 -29.72 -1.87 -6.53
C ARG B 198 -28.37 -2.10 -5.86
N VAL B 199 -28.20 -3.29 -5.29
CA VAL B 199 -26.97 -3.64 -4.60
C VAL B 199 -26.16 -4.62 -5.43
N THR B 200 -26.83 -5.45 -6.22
CA THR B 200 -26.10 -6.36 -7.08
C THR B 200 -25.35 -5.39 -7.95
N GLU B 201 -26.05 -4.35 -8.36
CA GLU B 201 -25.49 -3.31 -9.21
C GLU B 201 -24.38 -2.49 -8.55
N GLU B 202 -24.49 -2.26 -7.24
CA GLU B 202 -23.48 -1.49 -6.57
C GLU B 202 -22.35 -2.39 -6.11
N ALA B 203 -22.54 -3.69 -6.35
CA ALA B 203 -21.52 -4.68 -6.02
C ALA B 203 -20.57 -4.58 -7.19
N LYS B 204 -21.05 -3.93 -8.25
CA LYS B 204 -20.28 -3.73 -9.47
C LYS B 204 -19.63 -2.33 -9.52
N THR B 205 -20.35 -1.29 -9.13
CA THR B 205 -19.76 0.04 -9.13
C THR B 205 -18.50 -0.13 -8.27
N ALA B 206 -18.62 -0.89 -7.20
CA ALA B 206 -17.51 -1.17 -6.30
C ALA B 206 -16.30 -1.66 -7.11
N PHE B 207 -16.55 -2.56 -8.06
CA PHE B 207 -15.52 -3.13 -8.94
C PHE B 207 -14.98 -1.98 -9.80
N LEU B 208 -15.91 -1.15 -10.27
CA LEU B 208 -15.63 0.01 -11.13
C LEU B 208 -14.61 0.97 -10.56
N LEU B 209 -14.87 1.48 -9.37
CA LEU B 209 -13.97 2.43 -8.73
C LEU B 209 -12.52 1.97 -8.56
N ASN B 210 -12.31 0.74 -8.10
CA ASN B 210 -10.96 0.19 -7.91
C ASN B 210 -10.21 0.11 -9.24
N ILE B 211 -10.93 0.47 -10.32
CA ILE B 211 -10.41 0.48 -11.66
C ILE B 211 -9.87 1.88 -11.91
N GLU B 212 -10.75 2.88 -11.79
CA GLU B 212 -10.36 4.27 -11.96
C GLU B 212 -9.21 4.54 -10.97
N LEU B 213 -9.23 3.76 -9.90
CA LEU B 213 -8.22 3.81 -8.85
C LEU B 213 -6.87 3.38 -9.41
N PHE B 214 -6.79 2.09 -9.75
CA PHE B 214 -5.59 1.46 -10.27
C PHE B 214 -5.14 1.90 -11.66
N GLU B 215 -6.08 2.38 -12.48
CA GLU B 215 -5.71 2.82 -13.83
C GLU B 215 -5.22 4.26 -13.88
N GLU B 216 -5.22 4.93 -12.73
CA GLU B 216 -4.72 6.30 -12.67
C GLU B 216 -3.37 6.23 -11.96
N LEU B 217 -3.38 5.61 -10.79
CA LEU B 217 -2.16 5.45 -9.97
C LEU B 217 -1.00 4.94 -10.81
N GLN B 218 -1.26 3.95 -11.64
CA GLN B 218 -0.24 3.38 -12.51
C GLN B 218 0.13 4.39 -13.58
N ALA B 219 -0.85 5.15 -14.04
CA ALA B 219 -0.63 6.15 -15.05
C ALA B 219 0.21 7.29 -14.50
N LEU B 220 0.08 7.54 -13.21
CA LEU B 220 0.83 8.60 -12.52
C LEU B 220 2.18 8.02 -12.16
N LEU B 221 2.29 6.69 -12.30
CA LEU B 221 3.50 5.93 -12.02
C LEU B 221 4.03 5.37 -13.33
N THR B 222 4.24 4.06 -13.38
CA THR B 222 4.76 3.38 -14.58
C THR B 222 4.44 4.07 -15.91
N ASN C 30 9.24 -44.35 15.96
CA ASN C 30 10.15 -45.54 15.97
C ASN C 30 9.60 -46.62 15.04
N SER C 31 10.49 -47.31 14.34
CA SER C 31 10.08 -48.38 13.42
C SER C 31 11.19 -49.40 13.16
N GLU C 32 12.41 -49.04 13.54
CA GLU C 32 13.64 -49.85 13.41
C GLU C 32 14.68 -49.18 12.51
N PHE C 33 14.43 -49.12 11.20
CA PHE C 33 15.36 -48.47 10.28
C PHE C 33 15.15 -46.96 10.44
N MET C 34 13.91 -46.58 10.74
CA MET C 34 13.56 -45.18 10.95
C MET C 34 14.34 -44.66 12.17
N ARG C 35 14.95 -45.60 12.89
CA ARG C 35 15.78 -45.27 14.05
C ARG C 35 17.10 -44.77 13.48
N ASN C 36 17.14 -44.58 12.16
CA ASN C 36 18.32 -44.10 11.46
C ASN C 36 18.01 -42.77 10.78
N PHE C 37 16.73 -42.56 10.46
CA PHE C 37 16.28 -41.31 9.84
C PHE C 37 15.85 -40.44 11.00
N GLN C 38 16.47 -40.70 12.15
CA GLN C 38 16.21 -40.02 13.40
C GLN C 38 17.41 -40.37 14.32
N LYS C 39 18.42 -41.01 13.74
CA LYS C 39 19.67 -41.41 14.43
C LYS C 39 20.77 -41.72 13.39
N GLY C 40 21.37 -42.90 13.48
CA GLY C 40 22.43 -43.27 12.53
C GLY C 40 22.63 -44.76 12.24
N GLN C 41 23.89 -45.14 12.01
CA GLN C 41 24.35 -46.52 11.72
C GLN C 41 24.44 -46.89 10.22
N VAL C 42 23.65 -46.23 9.38
CA VAL C 42 23.64 -46.49 7.93
C VAL C 42 25.02 -46.38 7.23
N SER C 43 25.84 -45.44 7.69
CA SER C 43 27.20 -45.20 7.17
C SER C 43 27.25 -44.60 5.76
N ARG C 44 27.36 -45.44 4.72
CA ARG C 44 27.40 -44.89 3.37
C ARG C 44 26.42 -45.53 2.38
N GLU C 45 26.28 -46.85 2.42
CA GLU C 45 25.37 -47.55 1.52
C GLU C 45 23.90 -47.33 1.86
N GLY C 46 23.59 -47.34 3.17
CA GLY C 46 22.22 -47.15 3.61
C GLY C 46 21.75 -45.72 3.53
N PHE C 47 22.67 -44.76 3.71
CA PHE C 47 22.29 -43.35 3.62
C PHE C 47 22.19 -42.82 2.19
N LYS C 48 22.93 -43.42 1.28
CA LYS C 48 22.90 -43.03 -0.12
C LYS C 48 21.74 -43.70 -0.85
N LEU C 49 21.14 -44.70 -0.20
CA LEU C 49 20.03 -45.43 -0.81
C LEU C 49 18.73 -44.77 -0.36
N VAL C 50 18.70 -44.39 0.92
CA VAL C 50 17.54 -43.74 1.53
C VAL C 50 17.29 -42.43 0.80
N MET C 51 18.35 -41.63 0.69
CA MET C 51 18.28 -40.35 0.02
C MET C 51 18.06 -40.58 -1.47
N ALA C 52 18.50 -41.75 -1.96
CA ALA C 52 18.35 -42.11 -3.37
C ALA C 52 16.90 -42.37 -3.76
N SER C 53 15.99 -42.15 -2.80
CA SER C 53 14.58 -42.38 -3.01
C SER C 53 13.75 -41.15 -2.63
N LEU C 54 14.11 -40.49 -1.53
CA LEU C 54 13.39 -39.30 -1.11
C LEU C 54 13.27 -38.46 -2.34
N TYR C 55 14.32 -38.55 -3.17
CA TYR C 55 14.44 -37.82 -4.44
C TYR C 55 13.26 -38.03 -5.38
N HIS C 56 13.00 -39.27 -5.72
CA HIS C 56 11.88 -39.57 -6.60
C HIS C 56 10.63 -39.00 -5.95
N ILE C 57 10.46 -39.35 -4.68
CA ILE C 57 9.34 -38.94 -3.87
C ILE C 57 9.17 -37.42 -3.82
N TYR C 58 10.23 -36.68 -3.50
CA TYR C 58 10.11 -35.23 -3.47
C TYR C 58 9.81 -34.73 -4.87
N THR C 59 10.42 -35.36 -5.88
CA THR C 59 10.20 -34.99 -7.29
C THR C 59 8.75 -35.27 -7.68
N ALA C 60 8.17 -36.29 -7.07
CA ALA C 60 6.80 -36.70 -7.32
C ALA C 60 5.87 -35.81 -6.51
N LEU C 61 6.22 -35.66 -5.24
CA LEU C 61 5.45 -34.81 -4.35
C LEU C 61 5.35 -33.46 -5.04
N GLU C 62 6.50 -32.92 -5.42
CA GLU C 62 6.57 -31.64 -6.08
C GLU C 62 5.89 -31.54 -7.44
N GLU C 63 5.86 -32.62 -8.22
CA GLU C 63 5.22 -32.55 -9.54
C GLU C 63 3.70 -32.55 -9.34
N GLU C 64 3.27 -32.02 -8.20
CA GLU C 64 1.85 -31.96 -7.86
C GLU C 64 1.55 -30.61 -7.22
N ILE C 65 2.58 -29.99 -6.66
CA ILE C 65 2.46 -28.70 -6.01
C ILE C 65 2.55 -27.59 -7.06
N GLU C 66 3.20 -27.90 -8.18
CA GLU C 66 3.36 -26.94 -9.28
C GLU C 66 2.12 -26.97 -10.16
N ARG C 67 1.47 -28.12 -10.17
CA ARG C 67 0.24 -28.33 -10.94
C ARG C 67 -1.00 -27.74 -10.24
N ASN C 68 -1.17 -28.06 -8.95
CA ASN C 68 -2.31 -27.59 -8.18
C ASN C 68 -2.00 -26.51 -7.13
N LYS C 69 -1.16 -25.53 -7.46
CA LYS C 69 -0.79 -24.48 -6.50
C LYS C 69 -1.77 -23.30 -6.49
N GLN C 70 -2.67 -23.29 -7.47
CA GLN C 70 -3.69 -22.24 -7.60
C GLN C 70 -4.94 -22.61 -6.81
N ASN C 71 -5.34 -23.87 -6.89
CA ASN C 71 -6.53 -24.32 -6.17
C ASN C 71 -6.28 -24.06 -4.69
N PRO C 72 -7.23 -23.38 -4.03
CA PRO C 72 -7.10 -23.07 -2.61
C PRO C 72 -7.00 -24.35 -1.78
N VAL C 73 -7.15 -25.50 -2.44
CA VAL C 73 -7.06 -26.78 -1.74
C VAL C 73 -5.61 -27.20 -1.45
N TYR C 74 -4.74 -26.19 -1.28
CA TYR C 74 -3.33 -26.39 -0.94
C TYR C 74 -2.49 -25.10 -1.07
N ALA C 75 -2.94 -24.17 -1.92
CA ALA C 75 -2.23 -22.91 -2.14
C ALA C 75 -1.53 -22.32 -0.90
N PRO C 76 -2.22 -22.27 0.25
CA PRO C 76 -1.58 -21.70 1.46
C PRO C 76 -0.27 -22.35 1.91
N LEU C 77 -0.06 -23.60 1.51
CA LEU C 77 1.13 -24.35 1.92
C LEU C 77 2.21 -24.42 0.85
N TYR C 78 2.22 -23.41 -0.02
CA TYR C 78 3.18 -23.31 -1.10
C TYR C 78 4.41 -22.50 -0.67
N PHE C 79 5.52 -23.20 -0.46
CA PHE C 79 6.78 -22.60 -0.04
C PHE C 79 7.95 -23.24 -0.81
N PRO C 80 8.13 -22.84 -2.08
CA PRO C 80 9.22 -23.36 -2.95
C PRO C 80 10.63 -22.90 -2.55
N GLU C 81 10.75 -21.65 -2.11
CA GLU C 81 12.05 -21.11 -1.72
C GLU C 81 12.40 -21.52 -0.30
N GLU C 82 11.59 -22.38 0.32
CA GLU C 82 11.84 -22.80 1.70
C GLU C 82 11.42 -24.23 2.01
N LEU C 83 10.59 -24.84 1.15
CA LEU C 83 10.11 -26.19 1.39
C LEU C 83 10.42 -27.18 0.28
N HIS C 84 10.64 -26.70 -0.93
CA HIS C 84 10.93 -27.59 -2.05
C HIS C 84 12.30 -28.26 -1.93
N ARG C 85 12.30 -29.60 -1.99
CA ARG C 85 13.50 -30.40 -1.81
C ARG C 85 14.13 -31.08 -3.04
N ARG C 86 13.71 -30.69 -4.24
CA ARG C 86 14.27 -31.28 -5.45
C ARG C 86 15.57 -30.59 -5.82
N ALA C 87 15.65 -29.30 -5.55
CA ALA C 87 16.86 -28.53 -5.87
C ALA C 87 18.06 -29.10 -5.11
N ALA C 88 17.81 -29.47 -3.87
CA ALA C 88 18.85 -30.00 -2.99
C ALA C 88 19.02 -31.53 -3.05
N LEU C 89 18.04 -32.23 -3.63
CA LEU C 89 18.11 -33.68 -3.77
C LEU C 89 18.78 -34.00 -5.10
N GLU C 90 18.61 -33.11 -6.07
CA GLU C 90 19.23 -33.29 -7.37
C GLU C 90 20.75 -33.13 -7.20
N GLN C 91 21.14 -32.09 -6.45
CA GLN C 91 22.56 -31.80 -6.20
C GLN C 91 23.23 -32.89 -5.37
N ASP C 92 22.47 -33.42 -4.40
CA ASP C 92 22.96 -34.48 -3.53
C ASP C 92 23.14 -35.77 -4.30
N MET C 93 22.19 -36.04 -5.18
CA MET C 93 22.22 -37.25 -5.98
C MET C 93 23.40 -37.30 -6.96
N ALA C 94 23.77 -36.15 -7.51
CA ALA C 94 24.90 -36.11 -8.43
C ALA C 94 26.17 -36.22 -7.57
N PHE C 95 25.97 -36.23 -6.27
CA PHE C 95 27.06 -36.32 -5.31
C PHE C 95 27.28 -37.81 -5.05
N TRP C 96 26.39 -38.41 -4.25
CA TRP C 96 26.50 -39.83 -3.90
C TRP C 96 26.57 -40.81 -5.08
N TYR C 97 26.11 -40.37 -6.25
CA TYR C 97 26.09 -41.25 -7.42
C TYR C 97 26.94 -40.79 -8.63
N GLY C 98 27.18 -39.49 -8.77
CA GLY C 98 27.98 -39.00 -9.88
C GLY C 98 27.31 -38.16 -10.97
N PRO C 99 28.10 -37.65 -11.94
CA PRO C 99 27.61 -36.82 -13.06
C PRO C 99 26.52 -37.53 -13.86
N HIS C 100 26.44 -38.84 -13.70
CA HIS C 100 25.44 -39.64 -14.40
C HIS C 100 24.64 -40.36 -13.33
N TRP C 101 24.07 -39.57 -12.42
CA TRP C 101 23.27 -40.06 -11.31
C TRP C 101 21.81 -40.29 -11.71
N GLN C 102 21.36 -39.57 -12.75
CA GLN C 102 19.99 -39.68 -13.24
C GLN C 102 19.46 -41.08 -13.01
N GLU C 103 20.09 -42.02 -13.72
CA GLU C 103 19.75 -43.41 -13.62
C GLU C 103 20.99 -44.14 -13.09
N ALA C 104 21.15 -44.11 -11.77
CA ALA C 104 22.23 -44.75 -11.02
C ALA C 104 21.65 -44.97 -9.63
N ILE C 105 20.54 -44.27 -9.38
CA ILE C 105 19.81 -44.33 -8.12
C ILE C 105 18.79 -45.45 -8.19
N PRO C 106 18.66 -46.23 -7.11
CA PRO C 106 17.67 -47.30 -7.19
C PRO C 106 16.29 -46.67 -7.32
N TYR C 107 15.51 -47.19 -8.27
CA TYR C 107 14.16 -46.72 -8.49
C TYR C 107 13.30 -47.88 -8.01
N THR C 108 13.61 -48.33 -6.81
CA THR C 108 12.93 -49.46 -6.19
C THR C 108 11.42 -49.50 -6.37
N PRO C 109 10.82 -50.71 -6.24
CA PRO C 109 9.38 -50.94 -6.38
C PRO C 109 8.55 -50.24 -5.30
N ALA C 110 9.21 -49.84 -4.20
CA ALA C 110 8.54 -49.15 -3.10
C ALA C 110 8.32 -47.66 -3.43
N THR C 111 9.01 -47.21 -4.49
CA THR C 111 8.90 -45.85 -4.98
C THR C 111 7.75 -45.87 -6.00
N GLN C 112 7.86 -46.79 -6.95
CA GLN C 112 6.86 -46.99 -8.00
C GLN C 112 5.49 -47.26 -7.39
N HIS C 113 5.39 -47.13 -6.07
CA HIS C 113 4.14 -47.37 -5.36
C HIS C 113 3.84 -46.21 -4.42
N TYR C 114 4.89 -45.67 -3.81
CA TYR C 114 4.76 -44.53 -2.90
C TYR C 114 4.50 -43.33 -3.80
N VAL C 115 5.22 -43.28 -4.92
CA VAL C 115 5.10 -42.21 -5.91
C VAL C 115 3.76 -42.30 -6.63
N LYS C 116 3.13 -43.46 -6.55
CA LYS C 116 1.82 -43.65 -7.17
C LYS C 116 0.86 -42.76 -6.39
N ARG C 117 0.99 -42.82 -5.06
CA ARG C 117 0.16 -42.04 -4.14
C ARG C 117 0.26 -40.54 -4.41
N LEU C 118 1.44 -39.98 -4.23
CA LEU C 118 1.69 -38.55 -4.46
C LEU C 118 1.09 -38.08 -5.78
N HIS C 119 0.88 -39.00 -6.73
CA HIS C 119 0.31 -38.64 -8.03
C HIS C 119 -1.22 -38.82 -8.13
N GLU C 120 -1.78 -39.71 -7.30
CA GLU C 120 -3.23 -39.94 -7.27
C GLU C 120 -3.86 -38.80 -6.47
N VAL C 121 -3.07 -38.28 -5.53
CA VAL C 121 -3.49 -37.17 -4.68
C VAL C 121 -3.21 -35.86 -5.43
N GLY C 122 -2.74 -35.98 -6.67
CA GLY C 122 -2.44 -34.81 -7.47
C GLY C 122 -3.25 -34.78 -8.75
N GLY C 123 -4.01 -35.86 -8.99
CA GLY C 123 -4.83 -35.94 -10.18
C GLY C 123 -6.33 -36.01 -9.92
N THR C 124 -6.71 -36.64 -8.81
CA THR C 124 -8.12 -36.80 -8.43
C THR C 124 -8.37 -36.44 -6.96
N HIS C 125 -7.30 -36.18 -6.21
CA HIS C 125 -7.43 -35.82 -4.79
C HIS C 125 -6.56 -34.62 -4.39
N PRO C 126 -6.62 -33.50 -5.14
CA PRO C 126 -5.80 -32.32 -4.83
C PRO C 126 -6.07 -31.78 -3.42
N GLU C 127 -7.31 -31.93 -2.98
CA GLU C 127 -7.69 -31.46 -1.65
C GLU C 127 -7.08 -32.42 -0.62
N LEU C 128 -6.78 -33.64 -1.04
CA LEU C 128 -6.17 -34.64 -0.16
C LEU C 128 -4.64 -34.61 -0.21
N LEU C 129 -4.07 -33.58 -0.83
CA LEU C 129 -2.62 -33.50 -0.93
C LEU C 129 -1.90 -32.97 0.30
N VAL C 130 -2.49 -32.01 0.98
CA VAL C 130 -1.89 -31.45 2.17
C VAL C 130 -1.39 -32.48 3.20
N ALA C 131 -1.94 -33.69 3.20
CA ALA C 131 -1.52 -34.73 4.15
C ALA C 131 -0.09 -35.17 3.84
N HIS C 132 0.26 -35.13 2.57
CA HIS C 132 1.59 -35.50 2.11
C HIS C 132 2.58 -34.38 2.33
N ALA C 133 2.10 -33.14 2.30
CA ALA C 133 3.00 -32.01 2.50
C ALA C 133 3.33 -31.97 3.96
N TYR C 134 2.29 -31.96 4.80
CA TYR C 134 2.43 -31.94 6.26
C TYR C 134 3.47 -33.01 6.58
N THR C 135 3.24 -34.22 6.10
CA THR C 135 4.13 -35.34 6.32
C THR C 135 5.53 -35.09 5.71
N ARG C 136 5.66 -35.23 4.40
CA ARG C 136 6.96 -35.05 3.77
C ARG C 136 7.69 -33.80 4.22
N TYR C 137 7.09 -32.65 3.98
CA TYR C 137 7.74 -31.40 4.37
C TYR C 137 7.89 -31.24 5.88
N LEU C 138 6.79 -31.17 6.63
CA LEU C 138 6.89 -31.01 8.08
C LEU C 138 7.37 -32.27 8.81
N GLY C 139 7.42 -33.39 8.09
CA GLY C 139 7.86 -34.63 8.69
C GLY C 139 9.36 -34.74 8.49
N ASP C 140 9.77 -34.76 7.22
CA ASP C 140 11.18 -34.81 6.86
C ASP C 140 11.72 -33.38 7.04
N LEU C 141 11.58 -32.86 8.27
CA LEU C 141 12.02 -31.51 8.61
C LEU C 141 12.01 -31.15 10.11
N SER C 142 11.00 -31.65 10.84
CA SER C 142 10.84 -31.39 12.28
C SER C 142 12.04 -30.70 12.95
N GLN C 145 21.29 -29.55 11.89
CA GLN C 145 20.45 -29.04 12.97
C GLN C 145 19.95 -30.27 13.74
N VAL C 146 19.63 -31.31 12.99
CA VAL C 146 19.15 -32.57 13.54
C VAL C 146 20.07 -33.66 12.96
N LEU C 147 19.48 -34.64 12.27
CA LEU C 147 20.25 -35.71 11.65
C LEU C 147 21.48 -35.09 11.03
N LYS C 148 21.25 -34.16 10.11
CA LYS C 148 22.30 -33.47 9.37
C LYS C 148 23.52 -33.19 10.23
N LYS C 149 23.33 -32.39 11.29
CA LYS C 149 24.44 -32.03 12.18
C LYS C 149 25.37 -33.19 12.44
N ILE C 150 24.86 -34.41 12.32
CA ILE C 150 25.65 -35.60 12.57
C ILE C 150 26.02 -36.38 11.30
N ALA C 151 25.20 -36.26 10.25
CA ALA C 151 25.44 -36.99 9.01
C ALA C 151 26.76 -36.57 8.33
N GLN C 152 27.56 -35.75 8.99
CA GLN C 152 28.84 -35.30 8.46
C GLN C 152 30.05 -35.66 9.34
N LYS C 153 29.88 -35.52 10.65
CA LYS C 153 30.93 -35.86 11.64
C LYS C 153 30.88 -37.37 11.84
N ALA C 154 29.97 -38.02 11.12
CA ALA C 154 29.76 -39.46 11.20
C ALA C 154 29.89 -40.15 9.85
N MET C 155 30.40 -39.44 8.84
CA MET C 155 30.57 -40.03 7.52
C MET C 155 31.65 -39.44 6.62
N ALA C 156 32.63 -38.76 7.23
CA ALA C 156 33.74 -38.15 6.49
C ALA C 156 33.31 -37.15 5.40
N LEU C 157 32.07 -36.68 5.50
CA LEU C 157 31.52 -35.75 4.53
C LEU C 157 32.06 -34.34 4.73
N PRO C 158 32.15 -33.57 3.63
CA PRO C 158 32.65 -32.19 3.61
C PRO C 158 32.20 -31.35 4.79
N SER C 159 33.09 -30.44 5.20
CA SER C 159 32.84 -29.54 6.33
C SER C 159 31.84 -28.47 5.90
N SER C 160 31.60 -28.41 4.59
CA SER C 160 30.67 -27.45 4.03
C SER C 160 29.26 -27.88 4.42
N GLY C 161 29.02 -29.19 4.34
CA GLY C 161 27.71 -29.72 4.67
C GLY C 161 27.06 -30.19 3.38
N GLU C 162 27.89 -30.23 2.34
CA GLU C 162 27.47 -30.66 1.01
C GLU C 162 27.06 -32.12 1.06
N GLY C 163 25.97 -32.45 0.38
CA GLY C 163 25.48 -33.82 0.40
C GLY C 163 24.66 -34.11 1.64
N LEU C 164 24.20 -33.05 2.30
CA LEU C 164 23.37 -33.11 3.52
C LEU C 164 22.60 -31.80 3.51
N ALA C 165 22.62 -31.17 2.34
CA ALA C 165 21.96 -29.91 2.09
C ALA C 165 20.46 -30.09 1.91
N PHE C 166 20.04 -31.35 1.88
CA PHE C 166 18.61 -31.68 1.75
C PHE C 166 18.02 -31.36 3.12
N PHE C 167 18.84 -31.58 4.13
CA PHE C 167 18.47 -31.32 5.51
C PHE C 167 18.71 -29.86 5.82
N THR C 168 18.78 -29.03 4.77
CA THR C 168 19.00 -27.60 4.94
C THR C 168 18.07 -26.76 4.09
N PHE C 169 17.71 -25.61 4.64
CA PHE C 169 16.84 -24.64 3.99
C PHE C 169 17.50 -23.29 4.31
N PRO C 170 18.22 -22.69 3.34
CA PRO C 170 18.87 -21.40 3.59
C PRO C 170 17.94 -20.26 3.95
N SER C 171 16.98 -19.99 3.06
CA SER C 171 16.01 -18.90 3.24
C SER C 171 15.10 -19.05 4.47
N ILE C 172 15.47 -19.95 5.37
CA ILE C 172 14.73 -20.17 6.60
C ILE C 172 15.63 -19.85 7.80
N ASP C 173 15.41 -18.67 8.38
CA ASP C 173 16.18 -18.22 9.53
C ASP C 173 15.80 -19.09 10.73
N ASN C 174 14.60 -18.86 11.27
CA ASN C 174 14.18 -19.65 12.44
C ASN C 174 13.41 -20.93 12.12
N PRO C 175 13.87 -22.05 12.69
CA PRO C 175 13.24 -23.35 12.47
C PRO C 175 11.83 -23.39 13.06
N THR C 176 11.76 -23.75 14.35
CA THR C 176 10.51 -23.88 15.08
C THR C 176 9.58 -22.65 15.00
N LYS C 177 9.85 -21.76 14.04
CA LYS C 177 9.05 -20.54 13.83
C LYS C 177 8.48 -20.44 12.40
N PHE C 178 8.56 -21.53 11.64
CA PHE C 178 8.03 -21.60 10.27
C PHE C 178 7.05 -22.75 10.28
N LYS C 179 7.30 -23.71 11.17
CA LYS C 179 6.43 -24.85 11.31
C LYS C 179 5.12 -24.23 11.76
N GLN C 180 5.22 -23.00 12.26
CA GLN C 180 4.05 -22.26 12.72
C GLN C 180 3.49 -21.49 11.53
N LEU C 181 4.38 -20.95 10.70
CA LEU C 181 3.96 -20.21 9.51
C LEU C 181 3.26 -21.22 8.62
N TYR C 182 3.79 -22.44 8.65
CA TYR C 182 3.22 -23.53 7.87
C TYR C 182 1.93 -24.01 8.55
N ARG C 183 2.06 -24.69 9.70
CA ARG C 183 0.87 -25.20 10.40
C ARG C 183 -0.22 -24.14 10.56
N ALA C 184 0.08 -22.92 10.12
CA ALA C 184 -0.87 -21.83 10.17
C ALA C 184 -1.73 -21.83 8.91
N ARG C 185 -1.09 -21.58 7.77
CA ARG C 185 -1.76 -21.56 6.48
C ARG C 185 -2.58 -22.84 6.31
N MET C 186 -2.17 -23.87 7.04
CA MET C 186 -2.80 -25.18 7.01
C MET C 186 -4.20 -25.17 7.61
N ASN C 187 -4.41 -24.33 8.62
CA ASN C 187 -5.71 -24.25 9.26
C ASN C 187 -6.65 -23.20 8.64
N THR C 188 -6.14 -22.44 7.66
CA THR C 188 -6.97 -21.47 6.95
C THR C 188 -7.62 -22.29 5.83
N LEU C 189 -7.40 -23.60 5.91
CA LEU C 189 -7.92 -24.56 4.95
C LEU C 189 -9.35 -24.91 5.34
N GLU C 190 -10.30 -24.32 4.62
CA GLU C 190 -11.75 -24.50 4.81
C GLU C 190 -12.27 -25.82 4.22
N MET C 191 -12.61 -26.76 5.07
CA MET C 191 -13.09 -28.06 4.62
C MET C 191 -14.36 -28.52 5.32
N THR C 192 -15.29 -29.06 4.54
CA THR C 192 -16.52 -29.58 5.11
C THR C 192 -16.08 -30.69 6.08
N PRO C 193 -16.94 -31.06 7.03
CA PRO C 193 -16.58 -32.11 7.99
C PRO C 193 -16.39 -33.49 7.37
N GLU C 194 -16.53 -33.59 6.06
CA GLU C 194 -16.39 -34.87 5.36
C GLU C 194 -15.08 -34.99 4.59
N VAL C 195 -14.58 -33.85 4.12
CA VAL C 195 -13.32 -33.77 3.38
C VAL C 195 -12.16 -33.93 4.34
N LYS C 196 -12.42 -33.68 5.63
CA LYS C 196 -11.40 -33.83 6.65
C LYS C 196 -11.18 -35.32 6.96
N HIS C 197 -12.17 -36.18 6.69
CA HIS C 197 -12.02 -37.62 6.96
C HIS C 197 -11.32 -38.39 5.84
N ARG C 198 -11.33 -37.84 4.64
CA ARG C 198 -10.69 -38.47 3.49
C ARG C 198 -9.25 -37.97 3.36
N VAL C 199 -8.93 -36.90 4.11
CA VAL C 199 -7.59 -36.34 4.12
C VAL C 199 -6.83 -37.17 5.16
N THR C 200 -7.40 -37.26 6.37
CA THR C 200 -6.81 -38.04 7.47
C THR C 200 -6.41 -39.43 6.98
N GLU C 201 -7.28 -40.04 6.18
CA GLU C 201 -7.04 -41.36 5.60
C GLU C 201 -5.74 -41.32 4.86
N GLU C 202 -5.53 -40.24 4.10
CA GLU C 202 -4.33 -40.07 3.31
C GLU C 202 -3.18 -39.47 4.13
N ALA C 203 -3.41 -39.34 5.44
CA ALA C 203 -2.40 -38.81 6.36
C ALA C 203 -1.84 -39.97 7.19
N LYS C 204 -2.40 -41.14 6.96
CA LYS C 204 -1.94 -42.34 7.62
C LYS C 204 -1.32 -43.12 6.49
N THR C 205 -1.85 -42.90 5.28
CA THR C 205 -1.36 -43.56 4.07
C THR C 205 0.04 -43.06 3.75
N ALA C 206 0.26 -41.78 3.94
CA ALA C 206 1.58 -41.19 3.71
C ALA C 206 2.45 -41.72 4.86
N PHE C 207 1.77 -42.21 5.89
CA PHE C 207 2.40 -42.77 7.08
C PHE C 207 2.90 -44.16 6.70
N LEU C 208 2.05 -44.96 6.09
CA LEU C 208 2.43 -46.31 5.68
C LEU C 208 3.22 -46.26 4.40
N LEU C 209 3.42 -45.06 3.88
CA LEU C 209 4.19 -44.91 2.67
C LEU C 209 5.64 -44.60 3.09
N ASN C 210 5.88 -43.47 3.75
CA ASN C 210 7.24 -43.15 4.20
C ASN C 210 7.78 -44.48 4.69
N ILE C 211 7.04 -45.08 5.61
CA ILE C 211 7.41 -46.37 6.17
C ILE C 211 7.69 -47.36 5.05
N GLU C 212 6.68 -48.13 4.62
CA GLU C 212 6.84 -49.13 3.55
C GLU C 212 8.15 -48.95 2.77
N LEU C 213 8.48 -47.69 2.51
CA LEU C 213 9.71 -47.33 1.83
C LEU C 213 10.84 -47.96 2.65
N PHE C 214 11.06 -47.41 3.84
CA PHE C 214 12.10 -47.90 4.73
C PHE C 214 12.11 -49.40 5.01
N GLU C 215 10.95 -50.05 4.95
CA GLU C 215 10.89 -51.49 5.20
C GLU C 215 11.42 -52.28 4.01
N GLU C 216 11.36 -51.67 2.84
CA GLU C 216 11.88 -52.31 1.65
C GLU C 216 13.35 -51.96 1.66
N LEU C 217 13.63 -50.67 1.44
CA LEU C 217 15.00 -50.17 1.41
C LEU C 217 15.86 -51.09 2.24
N GLN C 218 15.47 -51.24 3.51
CA GLN C 218 16.23 -52.07 4.41
C GLN C 218 15.81 -53.53 4.46
N ALA C 219 16.35 -54.28 3.52
CA ALA C 219 16.13 -55.71 3.32
C ALA C 219 16.57 -55.96 1.88
N LEU C 220 16.57 -54.90 1.08
CA LEU C 220 16.97 -54.97 -0.32
C LEU C 220 18.46 -55.31 -0.38
N LEU C 221 19.15 -55.01 0.70
CA LEU C 221 20.59 -55.25 0.82
C LEU C 221 20.88 -56.51 1.62
N THR C 222 19.82 -57.03 2.27
CA THR C 222 19.88 -58.23 3.09
C THR C 222 20.43 -57.89 4.49
N GLU C 223 21.28 -58.76 5.03
CA GLU C 223 21.89 -58.53 6.34
C GLU C 223 23.02 -57.52 6.18
#